data_1MXG
#
_entry.id   1MXG
#
_cell.length_a   51.480
_cell.length_b   76.507
_cell.length_c   136.455
_cell.angle_alpha   90.00
_cell.angle_beta   90.00
_cell.angle_gamma   90.00
#
_symmetry.space_group_name_H-M   'P 21 21 21'
#
loop_
_entity.id
_entity.type
_entity.pdbx_description
1 polymer 'alpha amylase'
2 branched 4,6-dideoxy-4-{[(1S,4R,5S,6S)-4,5,6-trihydroxy-3-(hydroxymethyl)cyclohex-2-en-1-yl]amino}-alpha-D-glucopyranose-(1-4)-alpha-D-glucopyranose-(1-4)-alpha-D-glucopyranose
3 non-polymer 'ZINC ION'
4 non-polymer 'CALCIUM ION'
5 non-polymer 'MAGNESIUM ION'
6 non-polymer 2-{2-[2-2-(METHOXY-ETHOXY)-ETHOXY]-ETHOXY}-ETHANOL
7 non-polymer 2-AMINO-2-HYDROXYMETHYL-PROPANE-1,3-DIOL
8 non-polymer ETHANOL
9 water water
#
_entity_poly.entity_id   1
_entity_poly.type   'polypeptide(L)'
_entity_poly.pdbx_seq_one_letter_code
;AKYLELEEGGVIMQAFYWDVPGGGIWWDHIRSKIPEWYEAGISAIWLPPPSKGMSGGYSMGYDPYDYFDLGEYYQKGTVE
TRFGSKEELVRLIQTAHAYGIKVIADVVINHRAGGDLEWNPFVGDYTWTDFSKVASGKYTANYLDFHPNELHCCDEGTFG
GFPDICHHKEWDQYWLWKSNESYAAYLRSIGFDGWRFDYVKGYGAWVVRDWLNWWGGWAVGEYWDTNVDALLSWAYESGA
KVFDFPLYYKMDEAFDNNNIPALVYALQNGQTVVSRDPFKAVTFVANHDTDIIWNKYPAYAFILTYEGQPVIFYRDFEEW
LNKDKLINLIWIHDHLAGGSTTIVYYDNDELIFVRNGDSRRPGLITYINLSPNWVGRWVYVPKFAGACIHEYTGNLGGWV
DKRVDSSGWVYLEAPPHDPANGYYGYSVWSYCGVG
;
_entity_poly.pdbx_strand_id   A
#
loop_
_chem_comp.id
_chem_comp.type
_chem_comp.name
_chem_comp.formula
AC1 D-saccharide 4,6-dideoxy-4-{[(1S,4R,5S,6S)-4,5,6-trihydroxy-3-(hydroxymethyl)cyclohex-2-en-1-yl]amino}-alpha-D-glucopyranose 'C13 H23 N O8'
CA non-polymer 'CALCIUM ION' 'Ca 2'
EOH non-polymer ETHANOL 'C2 H6 O'
ETE non-polymer 2-{2-[2-2-(METHOXY-ETHOXY)-ETHOXY]-ETHOXY}-ETHANOL 'C9 H20 O5'
GLC D-saccharide, alpha linking alpha-D-glucopyranose 'C6 H12 O6'
MG non-polymer 'MAGNESIUM ION' 'Mg 2'
TRS non-polymer 2-AMINO-2-HYDROXYMETHYL-PROPANE-1,3-DIOL 'C4 H12 N O3 1'
ZN non-polymer 'ZINC ION' 'Zn 2'
#
# COMPACT_ATOMS: atom_id res chain seq x y z
N ALA A 1 10.56 -7.93 -12.19
CA ALA A 1 10.96 -6.56 -11.74
C ALA A 1 12.46 -6.38 -11.87
N LYS A 2 12.91 -5.13 -11.81
CA LYS A 2 14.33 -4.83 -11.96
C LYS A 2 15.17 -5.35 -10.78
N TYR A 3 14.66 -5.17 -9.57
CA TYR A 3 15.37 -5.60 -8.37
C TYR A 3 14.58 -6.69 -7.64
N LEU A 4 13.97 -6.36 -6.50
CA LEU A 4 13.20 -7.37 -5.76
C LEU A 4 11.79 -7.48 -6.34
N GLU A 5 11.22 -8.67 -6.26
CA GLU A 5 9.87 -8.91 -6.76
C GLU A 5 8.88 -8.60 -5.65
N LEU A 6 7.61 -8.46 -6.02
CA LEU A 6 6.54 -8.18 -5.06
C LEU A 6 6.55 -9.20 -3.92
N GLU A 7 6.62 -10.48 -4.27
CA GLU A 7 6.62 -11.56 -3.29
C GLU A 7 7.89 -11.60 -2.44
N GLU A 8 8.89 -10.80 -2.81
CA GLU A 8 10.15 -10.75 -2.08
C GLU A 8 10.21 -9.49 -1.21
N GLY A 9 9.08 -8.80 -1.10
CA GLY A 9 9.03 -7.58 -0.31
C GLY A 9 9.35 -6.32 -1.09
N GLY A 10 9.30 -6.42 -2.41
CA GLY A 10 9.59 -5.28 -3.26
C GLY A 10 8.70 -4.07 -3.04
N VAL A 11 9.16 -2.91 -3.52
CA VAL A 11 8.41 -1.68 -3.37
C VAL A 11 7.19 -1.64 -4.28
N ILE A 12 6.07 -1.15 -3.74
CA ILE A 12 4.82 -1.07 -4.47
C ILE A 12 4.47 0.38 -4.75
N MET A 13 3.90 0.65 -5.92
CA MET A 13 3.48 2.00 -6.25
C MET A 13 1.95 2.05 -6.23
N GLN A 14 1.37 2.94 -5.43
CA GLN A 14 -0.08 3.09 -5.46
C GLN A 14 -0.24 3.99 -6.67
N ALA A 15 -0.76 3.43 -7.76
CA ALA A 15 -0.88 4.15 -9.03
C ALA A 15 -2.12 4.99 -9.26
N PHE A 16 -2.54 5.71 -8.22
CA PHE A 16 -3.69 6.60 -8.31
C PHE A 16 -3.81 7.42 -7.03
N TYR A 17 -4.78 8.31 -7.01
CA TYR A 17 -5.06 9.14 -5.85
C TYR A 17 -6.53 9.48 -5.95
N TRP A 18 -7.06 10.27 -5.02
CA TRP A 18 -8.47 10.59 -5.07
C TRP A 18 -8.83 11.59 -6.16
N ASP A 19 -9.80 11.23 -6.98
CA ASP A 19 -10.29 12.10 -8.05
C ASP A 19 -9.25 12.39 -9.14
N VAL A 20 -8.63 11.34 -9.66
CA VAL A 20 -7.66 11.50 -10.73
C VAL A 20 -8.42 12.05 -11.94
N PRO A 21 -7.72 12.72 -12.86
CA PRO A 21 -8.37 13.27 -14.05
C PRO A 21 -9.25 12.20 -14.71
N GLY A 22 -10.48 12.57 -15.06
CA GLY A 22 -11.40 11.64 -15.69
C GLY A 22 -11.30 11.62 -17.20
N GLY A 23 -12.35 11.13 -17.86
CA GLY A 23 -12.32 11.07 -19.30
C GLY A 23 -11.74 9.78 -19.85
N GLY A 24 -11.53 8.80 -18.97
CA GLY A 24 -11.01 7.51 -19.37
C GLY A 24 -9.58 7.50 -19.89
N ILE A 25 -8.73 8.34 -19.31
CA ILE A 25 -7.34 8.44 -19.73
C ILE A 25 -6.34 7.87 -18.73
N TRP A 26 -6.80 7.50 -17.53
CA TRP A 26 -5.88 7.01 -16.52
C TRP A 26 -5.14 5.71 -16.80
N TRP A 27 -5.83 4.71 -17.35
CA TRP A 27 -5.15 3.45 -17.65
C TRP A 27 -4.00 3.71 -18.63
N ASP A 28 -4.27 4.49 -19.68
CA ASP A 28 -3.23 4.82 -20.66
C ASP A 28 -2.12 5.65 -20.03
N HIS A 29 -2.49 6.54 -19.12
CA HIS A 29 -1.50 7.38 -18.47
C HIS A 29 -0.55 6.54 -17.61
N ILE A 30 -1.11 5.65 -16.79
CA ILE A 30 -0.28 4.80 -15.96
C ILE A 30 0.58 3.91 -16.85
N ARG A 31 0.01 3.44 -17.94
CA ARG A 31 0.77 2.60 -18.87
C ARG A 31 2.02 3.34 -19.36
N SER A 32 1.87 4.63 -19.64
CA SER A 32 3.01 5.43 -20.12
C SER A 32 4.11 5.57 -19.08
N LYS A 33 3.77 5.33 -17.81
CA LYS A 33 4.73 5.45 -16.72
C LYS A 33 5.46 4.15 -16.41
N ILE A 34 4.91 3.03 -16.87
CA ILE A 34 5.50 1.72 -16.60
C ILE A 34 7.01 1.60 -16.87
N PRO A 35 7.48 2.04 -18.05
CA PRO A 35 8.92 1.93 -18.31
C PRO A 35 9.75 2.69 -17.28
N GLU A 36 9.28 3.88 -16.91
CA GLU A 36 9.97 4.71 -15.93
C GLU A 36 9.96 4.05 -14.55
N TRP A 37 8.81 3.50 -14.17
CA TRP A 37 8.71 2.84 -12.87
C TRP A 37 9.56 1.58 -12.86
N TYR A 38 9.68 0.92 -14.00
CA TYR A 38 10.51 -0.26 -14.06
C TYR A 38 11.95 0.14 -13.75
N GLU A 39 12.44 1.16 -14.44
CA GLU A 39 13.80 1.63 -14.23
C GLU A 39 14.03 2.11 -12.81
N ALA A 40 12.97 2.60 -12.16
CA ALA A 40 13.07 3.09 -10.79
C ALA A 40 13.12 1.95 -9.76
N GLY A 41 12.79 0.75 -10.20
CA GLY A 41 12.82 -0.40 -9.29
C GLY A 41 11.50 -0.83 -8.71
N ILE A 42 10.40 -0.23 -9.17
CA ILE A 42 9.07 -0.58 -8.67
C ILE A 42 8.79 -2.05 -9.01
N SER A 43 8.26 -2.80 -8.06
CA SER A 43 7.99 -4.23 -8.27
C SER A 43 6.54 -4.54 -8.60
N ALA A 44 5.63 -3.63 -8.24
CA ALA A 44 4.21 -3.86 -8.48
C ALA A 44 3.43 -2.56 -8.42
N ILE A 45 2.26 -2.55 -9.05
CA ILE A 45 1.41 -1.38 -9.03
C ILE A 45 0.04 -1.74 -8.50
N TRP A 46 -0.50 -0.87 -7.65
CA TRP A 46 -1.83 -1.06 -7.09
C TRP A 46 -2.74 -0.10 -7.85
N LEU A 47 -3.70 -0.67 -8.56
CA LEU A 47 -4.64 0.12 -9.37
C LEU A 47 -5.96 0.29 -8.64
N PRO A 48 -6.69 1.37 -8.95
CA PRO A 48 -7.97 1.62 -8.30
C PRO A 48 -9.01 0.58 -8.77
N PRO A 49 -10.13 0.44 -8.02
CA PRO A 49 -11.18 -0.52 -8.39
C PRO A 49 -11.49 -0.32 -9.87
N PRO A 50 -11.38 -1.39 -10.68
CA PRO A 50 -11.63 -1.33 -12.13
C PRO A 50 -13.04 -1.43 -12.70
N SER A 51 -14.01 -1.75 -11.85
CA SER A 51 -15.39 -1.93 -12.32
C SER A 51 -16.25 -0.68 -12.45
N LYS A 52 -17.27 -0.78 -13.30
CA LYS A 52 -18.21 0.31 -13.54
C LYS A 52 -18.95 0.61 -12.24
N GLY A 53 -18.87 1.86 -11.80
CA GLY A 53 -19.52 2.24 -10.55
C GLY A 53 -20.83 2.98 -10.72
N MET A 54 -21.51 3.17 -9.59
CA MET A 54 -22.79 3.87 -9.56
C MET A 54 -22.72 5.24 -10.22
N SER A 55 -21.64 5.96 -9.93
CA SER A 55 -21.46 7.31 -10.48
C SER A 55 -20.83 7.35 -11.87
N GLY A 56 -20.80 6.20 -12.54
CA GLY A 56 -20.28 6.12 -13.89
C GLY A 56 -18.92 6.75 -14.13
N GLY A 57 -18.86 7.71 -15.06
CA GLY A 57 -17.61 8.36 -15.38
C GLY A 57 -17.01 9.17 -14.26
N TYR A 58 -17.77 9.40 -13.20
CA TYR A 58 -17.29 10.16 -12.04
C TYR A 58 -16.81 9.24 -10.92
N SER A 59 -17.10 7.94 -11.07
CA SER A 59 -16.73 6.97 -10.05
C SER A 59 -15.24 6.72 -9.86
N MET A 60 -14.82 6.61 -8.60
CA MET A 60 -13.44 6.31 -8.28
C MET A 60 -13.36 4.79 -8.08
N GLY A 61 -14.49 4.11 -8.30
CA GLY A 61 -14.53 2.66 -8.18
C GLY A 61 -14.96 2.07 -6.86
N TYR A 62 -15.11 2.90 -5.83
CA TYR A 62 -15.48 2.40 -4.51
C TYR A 62 -16.99 2.28 -4.29
N ASP A 63 -17.74 2.50 -5.37
CA ASP A 63 -19.19 2.38 -5.38
C ASP A 63 -19.51 1.46 -6.56
N PRO A 64 -18.96 0.23 -6.54
CA PRO A 64 -19.19 -0.72 -7.63
C PRO A 64 -20.63 -1.08 -7.93
N TYR A 65 -20.97 -1.06 -9.22
CA TYR A 65 -22.31 -1.41 -9.67
C TYR A 65 -22.25 -2.75 -10.40
N ASP A 66 -21.54 -2.77 -11.52
CA ASP A 66 -21.40 -3.99 -12.33
C ASP A 66 -19.95 -4.44 -12.26
N TYR A 67 -19.67 -5.41 -11.39
CA TYR A 67 -18.32 -5.91 -11.21
C TYR A 67 -17.68 -6.42 -12.48
N PHE A 68 -18.48 -6.99 -13.37
CA PHE A 68 -17.95 -7.55 -14.61
C PHE A 68 -17.89 -6.61 -15.80
N ASP A 69 -18.10 -5.32 -15.56
CA ASP A 69 -18.00 -4.32 -16.61
C ASP A 69 -16.75 -3.51 -16.26
N LEU A 70 -15.65 -3.79 -16.94
CA LEU A 70 -14.41 -3.07 -16.67
C LEU A 70 -14.21 -1.92 -17.64
N GLY A 71 -15.32 -1.43 -18.19
CA GLY A 71 -15.26 -0.31 -19.11
C GLY A 71 -15.55 -0.69 -20.55
N GLU A 72 -16.53 -1.56 -20.77
CA GLU A 72 -16.86 -1.97 -22.13
C GLU A 72 -18.35 -2.06 -22.42
N TYR A 73 -19.17 -1.78 -21.41
CA TYR A 73 -20.64 -1.81 -21.59
C TYR A 73 -21.20 -0.42 -21.34
N TYR A 74 -22.19 -0.03 -22.12
CA TYR A 74 -22.79 1.28 -21.93
C TYR A 74 -23.84 1.20 -20.83
N GLN A 75 -23.55 1.85 -19.70
CA GLN A 75 -24.47 1.91 -18.57
C GLN A 75 -23.93 2.95 -17.60
N LYS A 76 -24.82 3.51 -16.79
CA LYS A 76 -24.45 4.56 -15.85
C LYS A 76 -23.88 5.75 -16.63
N GLY A 77 -24.39 5.94 -17.85
CA GLY A 77 -23.99 7.05 -18.70
C GLY A 77 -22.65 7.02 -19.40
N THR A 78 -21.97 5.88 -19.36
CA THR A 78 -20.66 5.79 -19.98
C THR A 78 -20.30 4.37 -20.36
N VAL A 79 -19.35 4.22 -21.28
CA VAL A 79 -18.89 2.89 -21.66
C VAL A 79 -17.64 2.65 -20.83
N GLU A 80 -16.68 3.56 -20.94
CA GLU A 80 -15.45 3.43 -20.16
C GLU A 80 -15.74 3.83 -18.73
N THR A 81 -14.89 3.37 -17.80
CA THR A 81 -15.05 3.76 -16.41
C THR A 81 -14.36 5.10 -16.35
N ARG A 82 -14.22 5.67 -15.16
CA ARG A 82 -13.54 6.96 -15.06
C ARG A 82 -12.10 6.80 -15.56
N PHE A 83 -11.54 5.61 -15.34
CA PHE A 83 -10.15 5.32 -15.70
C PHE A 83 -9.87 4.94 -17.15
N GLY A 84 -10.85 4.32 -17.81
CA GLY A 84 -10.64 3.94 -19.20
C GLY A 84 -11.45 2.74 -19.60
N SER A 85 -11.14 2.19 -20.78
CA SER A 85 -11.85 1.03 -21.29
C SER A 85 -11.25 -0.27 -20.77
N LYS A 86 -11.97 -1.36 -20.94
CA LYS A 86 -11.47 -2.66 -20.51
C LYS A 86 -10.22 -2.98 -21.30
N GLU A 87 -10.25 -2.68 -22.59
CA GLU A 87 -9.13 -2.94 -23.48
C GLU A 87 -7.89 -2.18 -23.01
N GLU A 88 -8.10 -0.95 -22.56
CA GLU A 88 -6.99 -0.13 -22.09
C GLU A 88 -6.44 -0.67 -20.77
N LEU A 89 -7.32 -1.22 -19.93
CA LEU A 89 -6.90 -1.80 -18.66
C LEU A 89 -6.07 -3.06 -18.92
N VAL A 90 -6.54 -3.91 -19.82
CA VAL A 90 -5.83 -5.13 -20.15
C VAL A 90 -4.47 -4.79 -20.71
N ARG A 91 -4.42 -3.77 -21.57
CA ARG A 91 -3.15 -3.35 -22.17
C ARG A 91 -2.18 -2.86 -21.08
N LEU A 92 -2.72 -2.14 -20.10
CA LEU A 92 -1.89 -1.65 -19.00
C LEU A 92 -1.32 -2.83 -18.20
N ILE A 93 -2.19 -3.77 -17.84
CA ILE A 93 -1.77 -4.93 -17.07
C ILE A 93 -0.70 -5.73 -17.81
N GLN A 94 -0.93 -5.98 -19.10
CA GLN A 94 0.02 -6.75 -19.88
C GLN A 94 1.34 -5.99 -20.09
N THR A 95 1.26 -4.67 -20.16
CA THR A 95 2.47 -3.87 -20.32
C THR A 95 3.28 -3.94 -19.02
N ALA A 96 2.60 -3.89 -17.89
CA ALA A 96 3.28 -3.99 -16.61
C ALA A 96 4.00 -5.34 -16.57
N HIS A 97 3.30 -6.39 -16.99
CA HIS A 97 3.89 -7.72 -17.00
C HIS A 97 5.10 -7.83 -17.92
N ALA A 98 5.06 -7.10 -19.04
CA ALA A 98 6.18 -7.12 -19.98
C ALA A 98 7.44 -6.65 -19.26
N TYR A 99 7.29 -5.74 -18.32
CA TYR A 99 8.42 -5.22 -17.56
C TYR A 99 8.64 -5.95 -16.23
N GLY A 100 7.93 -7.06 -16.05
CA GLY A 100 8.08 -7.84 -14.83
C GLY A 100 7.47 -7.19 -13.60
N ILE A 101 6.55 -6.26 -13.83
CA ILE A 101 5.89 -5.57 -12.73
C ILE A 101 4.52 -6.20 -12.49
N LYS A 102 4.26 -6.60 -11.25
CA LYS A 102 2.98 -7.23 -10.92
C LYS A 102 1.88 -6.20 -10.70
N VAL A 103 0.63 -6.66 -10.80
CA VAL A 103 -0.51 -5.76 -10.66
C VAL A 103 -1.47 -6.21 -9.57
N ILE A 104 -1.85 -5.26 -8.73
CA ILE A 104 -2.73 -5.50 -7.59
C ILE A 104 -4.12 -4.91 -7.83
N ALA A 105 -5.15 -5.73 -7.70
CA ALA A 105 -6.53 -5.30 -7.90
C ALA A 105 -7.12 -4.80 -6.60
N ASP A 106 -7.83 -3.67 -6.66
CA ASP A 106 -8.49 -3.10 -5.49
C ASP A 106 -9.88 -3.71 -5.48
N VAL A 107 -10.09 -4.67 -4.58
CA VAL A 107 -11.34 -5.42 -4.46
C VAL A 107 -12.31 -4.79 -3.46
N VAL A 108 -13.42 -4.27 -3.97
CA VAL A 108 -14.43 -3.63 -3.14
C VAL A 108 -15.64 -4.53 -3.03
N ILE A 109 -15.71 -5.31 -1.96
CA ILE A 109 -16.82 -6.24 -1.80
C ILE A 109 -17.60 -6.16 -0.49
N ASN A 110 -17.41 -5.09 0.28
CA ASN A 110 -18.20 -4.98 1.49
C ASN A 110 -19.59 -4.48 1.09
N HIS A 111 -19.63 -3.64 0.06
CA HIS A 111 -20.88 -3.04 -0.38
C HIS A 111 -20.97 -2.91 -1.89
N ARG A 112 -22.16 -2.58 -2.36
CA ARG A 112 -22.40 -2.40 -3.78
C ARG A 112 -23.23 -1.13 -3.90
N ALA A 113 -23.26 -0.54 -5.09
CA ALA A 113 -24.01 0.70 -5.26
C ALA A 113 -24.61 0.82 -6.66
N GLY A 114 -25.57 1.72 -6.81
CA GLY A 114 -26.19 1.93 -8.11
C GLY A 114 -27.31 0.97 -8.45
N GLY A 115 -27.71 0.15 -7.48
CA GLY A 115 -28.79 -0.78 -7.73
C GLY A 115 -30.11 -0.06 -7.91
N ASP A 116 -31.06 -0.71 -8.57
CA ASP A 116 -32.37 -0.11 -8.77
C ASP A 116 -33.23 -0.35 -7.54
N LEU A 117 -34.33 0.39 -7.45
CA LEU A 117 -35.23 0.30 -6.32
C LEU A 117 -36.14 -0.93 -6.42
N GLU A 118 -36.33 -1.62 -5.30
CA GLU A 118 -37.21 -2.78 -5.26
C GLU A 118 -37.73 -2.95 -3.84
N TRP A 119 -38.89 -3.59 -3.70
CA TRP A 119 -39.44 -3.82 -2.38
C TRP A 119 -38.58 -4.85 -1.65
N ASN A 120 -38.25 -4.55 -0.41
CA ASN A 120 -37.42 -5.42 0.40
C ASN A 120 -38.23 -5.89 1.61
N PRO A 121 -38.73 -7.13 1.58
CA PRO A 121 -39.53 -7.67 2.67
C PRO A 121 -38.83 -7.77 4.03
N PHE A 122 -37.50 -7.80 4.03
CA PHE A 122 -36.76 -7.89 5.28
C PHE A 122 -36.68 -6.54 5.98
N VAL A 123 -36.76 -5.48 5.19
CA VAL A 123 -36.69 -4.12 5.71
C VAL A 123 -38.08 -3.50 5.81
N GLY A 124 -39.01 -3.97 4.99
CA GLY A 124 -40.36 -3.43 5.01
C GLY A 124 -40.39 -2.08 4.33
N ASP A 125 -39.57 -1.94 3.30
CA ASP A 125 -39.49 -0.69 2.53
C ASP A 125 -38.68 -0.95 1.28
N TYR A 126 -38.60 0.06 0.42
CA TYR A 126 -37.84 -0.07 -0.83
C TYR A 126 -36.37 0.16 -0.57
N THR A 127 -35.52 -0.65 -1.19
CA THR A 127 -34.09 -0.52 -1.05
C THR A 127 -33.43 -0.55 -2.44
N TRP A 128 -32.24 0.04 -2.55
CA TRP A 128 -31.52 0.08 -3.82
C TRP A 128 -30.75 -1.22 -3.99
N THR A 129 -31.46 -2.33 -3.95
CA THR A 129 -30.82 -3.63 -4.03
C THR A 129 -31.07 -4.45 -5.30
N ASP A 130 -31.75 -3.85 -6.28
CA ASP A 130 -32.04 -4.55 -7.53
C ASP A 130 -30.91 -4.40 -8.56
N PHE A 131 -30.08 -5.42 -8.66
CA PHE A 131 -28.97 -5.39 -9.63
C PHE A 131 -29.26 -6.35 -10.79
N SER A 132 -30.54 -6.57 -11.06
CA SER A 132 -30.94 -7.48 -12.14
C SER A 132 -30.59 -6.98 -13.54
N LYS A 133 -30.36 -5.67 -13.67
CA LYS A 133 -30.07 -5.09 -14.98
C LYS A 133 -28.61 -4.80 -15.33
N VAL A 134 -27.66 -5.33 -14.57
CA VAL A 134 -26.26 -5.09 -14.89
C VAL A 134 -26.02 -5.52 -16.34
N ALA A 135 -25.37 -4.66 -17.12
CA ALA A 135 -25.15 -4.95 -18.53
C ALA A 135 -24.32 -6.20 -18.83
N SER A 136 -23.42 -6.57 -17.94
CA SER A 136 -22.58 -7.74 -18.15
C SER A 136 -23.40 -9.01 -18.04
N GLY A 137 -24.54 -8.93 -17.37
CA GLY A 137 -25.38 -10.10 -17.18
C GLY A 137 -24.77 -11.05 -16.16
N LYS A 138 -23.73 -10.59 -15.46
CA LYS A 138 -23.07 -11.43 -14.46
C LYS A 138 -23.23 -10.87 -13.05
N TYR A 139 -23.44 -11.78 -12.10
CA TYR A 139 -23.63 -11.41 -10.70
C TYR A 139 -24.77 -10.43 -10.48
N THR A 140 -25.96 -10.82 -10.92
CA THR A 140 -27.13 -9.99 -10.67
C THR A 140 -27.33 -10.20 -9.16
N ALA A 141 -28.20 -9.41 -8.55
CA ALA A 141 -28.45 -9.55 -7.13
C ALA A 141 -29.75 -8.85 -6.76
N ASN A 142 -30.25 -9.15 -5.56
CA ASN A 142 -31.45 -8.50 -5.04
C ASN A 142 -31.35 -8.45 -3.53
N TYR A 143 -32.44 -8.09 -2.85
CA TYR A 143 -32.42 -7.97 -1.40
C TYR A 143 -31.88 -9.18 -0.63
N LEU A 144 -31.96 -10.36 -1.22
CA LEU A 144 -31.46 -11.56 -0.54
C LEU A 144 -29.94 -11.56 -0.38
N ASP A 145 -29.27 -10.71 -1.16
CA ASP A 145 -27.80 -10.66 -1.12
C ASP A 145 -27.23 -9.59 -0.20
N PHE A 146 -28.10 -8.91 0.53
CA PHE A 146 -27.65 -7.85 1.42
C PHE A 146 -28.25 -7.99 2.82
N HIS A 147 -27.75 -7.17 3.74
CA HIS A 147 -28.24 -7.16 5.11
C HIS A 147 -29.28 -6.06 5.24
N PRO A 148 -30.37 -6.32 5.98
CA PRO A 148 -30.67 -7.55 6.70
C PRO A 148 -31.36 -8.58 5.81
N ASN A 149 -31.24 -9.85 6.18
CA ASN A 149 -31.91 -10.92 5.44
C ASN A 149 -32.34 -12.03 6.39
N GLU A 150 -32.70 -13.19 5.83
CA GLU A 150 -33.17 -14.30 6.66
C GLU A 150 -32.10 -14.96 7.54
N LEU A 151 -30.83 -14.76 7.21
CA LEU A 151 -29.75 -15.36 8.01
C LEU A 151 -29.43 -14.54 9.25
N HIS A 152 -29.28 -13.23 9.07
CA HIS A 152 -28.99 -12.31 10.16
C HIS A 152 -29.26 -10.89 9.71
N CYS A 153 -29.38 -9.97 10.67
N CYS A 153 -29.40 -9.97 10.66
CA CYS A 153 -29.67 -8.57 10.38
CA CYS A 153 -29.69 -8.57 10.32
C CYS A 153 -28.45 -7.79 9.89
C CYS A 153 -28.48 -7.77 9.85
N CYS A 154 -27.26 -8.21 10.30
N CYS A 154 -27.28 -8.19 10.26
CA CYS A 154 -26.05 -7.49 9.91
CA CYS A 154 -26.07 -7.49 9.86
C CYS A 154 -24.79 -8.30 10.12
C CYS A 154 -24.80 -8.28 10.13
N ASP A 155 -23.68 -7.78 9.60
CA ASP A 155 -22.39 -8.43 9.76
C ASP A 155 -21.44 -7.51 10.53
N GLU A 156 -20.15 -7.71 10.33
CA GLU A 156 -19.13 -6.91 11.01
C GLU A 156 -19.26 -5.40 10.89
N GLY A 157 -19.78 -4.91 9.77
CA GLY A 157 -19.93 -3.48 9.62
C GLY A 157 -20.47 -3.02 8.29
N THR A 158 -20.93 -1.77 8.25
CA THR A 158 -21.49 -1.19 7.03
C THR A 158 -20.67 0.02 6.59
N PHE A 159 -20.89 0.45 5.36
CA PHE A 159 -20.20 1.61 4.81
C PHE A 159 -21.26 2.61 4.35
N GLY A 160 -21.42 3.67 5.11
CA GLY A 160 -22.41 4.67 4.76
C GLY A 160 -23.77 4.01 4.59
N GLY A 161 -24.50 4.41 3.55
CA GLY A 161 -25.80 3.84 3.32
C GLY A 161 -25.82 2.86 2.16
N PHE A 162 -24.65 2.45 1.70
CA PHE A 162 -24.56 1.51 0.58
C PHE A 162 -24.98 0.10 0.98
N PRO A 163 -25.75 -0.58 0.11
CA PRO A 163 -26.20 -1.95 0.38
C PRO A 163 -25.02 -2.80 0.82
N ASP A 164 -25.20 -3.47 1.96
CA ASP A 164 -24.15 -4.28 2.56
C ASP A 164 -24.25 -5.76 2.15
N ILE A 165 -23.25 -6.21 1.39
CA ILE A 165 -23.24 -7.58 0.87
C ILE A 165 -23.14 -8.68 1.93
N CYS A 166 -23.99 -9.71 1.79
CA CYS A 166 -23.98 -10.84 2.71
C CYS A 166 -23.16 -11.96 2.08
N HIS A 167 -21.91 -12.06 2.49
CA HIS A 167 -21.02 -13.07 1.94
C HIS A 167 -21.37 -14.48 2.36
N HIS A 168 -22.27 -14.62 3.33
CA HIS A 168 -22.68 -15.96 3.76
C HIS A 168 -23.60 -16.62 2.75
N LYS A 169 -24.14 -15.85 1.81
CA LYS A 169 -25.01 -16.42 0.78
C LYS A 169 -24.16 -17.08 -0.30
N GLU A 170 -24.47 -18.33 -0.64
CA GLU A 170 -23.71 -19.06 -1.65
C GLU A 170 -23.65 -18.36 -2.99
N TRP A 171 -24.72 -17.66 -3.36
CA TRP A 171 -24.78 -16.96 -4.63
C TRP A 171 -23.67 -15.91 -4.70
N ASP A 172 -23.51 -15.15 -3.62
CA ASP A 172 -22.49 -14.11 -3.57
C ASP A 172 -21.09 -14.70 -3.50
N GLN A 173 -20.94 -15.83 -2.83
CA GLN A 173 -19.64 -16.48 -2.75
C GLN A 173 -19.24 -16.91 -4.16
N TYR A 174 -20.17 -17.58 -4.84
CA TYR A 174 -19.93 -18.07 -6.19
C TYR A 174 -19.52 -16.97 -7.17
N TRP A 175 -20.24 -15.86 -7.13
CA TRP A 175 -19.96 -14.75 -8.04
C TRP A 175 -18.75 -13.92 -7.70
N LEU A 176 -18.35 -13.88 -6.44
CA LEU A 176 -17.20 -13.09 -6.05
C LEU A 176 -15.86 -13.83 -6.15
N TRP A 177 -15.80 -15.09 -5.73
CA TRP A 177 -14.52 -15.80 -5.80
C TRP A 177 -14.62 -17.32 -5.86
N LYS A 178 -15.74 -17.87 -5.39
CA LYS A 178 -15.89 -19.31 -5.29
C LYS A 178 -16.33 -20.07 -6.55
N SER A 179 -15.70 -19.76 -7.67
CA SER A 179 -16.01 -20.42 -8.94
C SER A 179 -15.10 -19.89 -10.04
N ASN A 180 -15.08 -20.58 -11.17
CA ASN A 180 -14.25 -20.14 -12.30
C ASN A 180 -14.96 -19.06 -13.11
N GLU A 181 -16.14 -18.66 -12.65
CA GLU A 181 -16.93 -17.62 -13.33
C GLU A 181 -16.98 -16.38 -12.45
N SER A 182 -16.30 -16.44 -11.31
CA SER A 182 -16.29 -15.35 -10.33
C SER A 182 -15.54 -14.10 -10.73
N TYR A 183 -15.73 -13.06 -9.93
CA TYR A 183 -15.08 -11.77 -10.14
C TYR A 183 -13.56 -11.99 -9.99
N ALA A 184 -13.17 -12.76 -8.97
CA ALA A 184 -11.77 -13.06 -8.74
C ALA A 184 -11.20 -13.77 -9.97
N ALA A 185 -11.94 -14.74 -10.49
CA ALA A 185 -11.49 -15.48 -11.67
C ALA A 185 -11.31 -14.53 -12.85
N TYR A 186 -12.26 -13.62 -13.03
CA TYR A 186 -12.17 -12.66 -14.12
C TYR A 186 -10.95 -11.77 -13.99
N LEU A 187 -10.75 -11.19 -12.80
CA LEU A 187 -9.60 -10.32 -12.58
C LEU A 187 -8.30 -11.08 -12.82
N ARG A 188 -8.22 -12.31 -12.34
CA ARG A 188 -7.02 -13.11 -12.54
C ARG A 188 -6.84 -13.44 -14.02
N SER A 189 -7.94 -13.72 -14.70
CA SER A 189 -7.87 -14.07 -16.12
C SER A 189 -7.28 -12.95 -17.00
N ILE A 190 -7.46 -11.69 -16.61
CA ILE A 190 -6.91 -10.61 -17.41
C ILE A 190 -5.52 -10.18 -16.96
N GLY A 191 -5.00 -10.84 -15.92
CA GLY A 191 -3.66 -10.53 -15.48
C GLY A 191 -3.40 -10.05 -14.06
N PHE A 192 -4.44 -9.74 -13.29
CA PHE A 192 -4.19 -9.28 -11.93
C PHE A 192 -3.47 -10.37 -11.14
N ASP A 193 -2.39 -9.99 -10.46
CA ASP A 193 -1.59 -10.92 -9.69
C ASP A 193 -1.98 -10.98 -8.23
N GLY A 194 -2.16 -9.81 -7.63
CA GLY A 194 -2.50 -9.73 -6.23
C GLY A 194 -3.75 -8.96 -5.90
N TRP A 195 -4.00 -8.80 -4.60
CA TRP A 195 -5.22 -8.15 -4.15
C TRP A 195 -5.07 -7.16 -3.00
N ARG A 196 -5.89 -6.12 -3.04
CA ARG A 196 -5.95 -5.11 -1.99
C ARG A 196 -7.45 -5.09 -1.67
N PHE A 197 -7.81 -5.62 -0.50
CA PHE A 197 -9.21 -5.69 -0.10
C PHE A 197 -9.66 -4.45 0.65
N ASP A 198 -10.68 -3.79 0.09
CA ASP A 198 -11.24 -2.57 0.64
C ASP A 198 -12.15 -2.79 1.84
N TYR A 199 -12.01 -1.93 2.86
CA TYR A 199 -12.84 -1.96 4.07
C TYR A 199 -13.10 -3.37 4.61
N VAL A 200 -12.04 -4.09 4.95
CA VAL A 200 -12.20 -5.44 5.45
C VAL A 200 -12.82 -5.50 6.85
N LYS A 201 -12.91 -4.36 7.52
CA LYS A 201 -13.53 -4.33 8.85
C LYS A 201 -15.04 -4.52 8.70
N GLY A 202 -15.50 -4.42 7.46
CA GLY A 202 -16.93 -4.55 7.19
C GLY A 202 -17.44 -5.96 7.00
N TYR A 203 -16.55 -6.94 6.94
CA TYR A 203 -16.97 -8.33 6.78
C TYR A 203 -15.95 -9.31 7.37
N GLY A 204 -16.29 -10.60 7.36
CA GLY A 204 -15.41 -11.59 7.96
C GLY A 204 -14.08 -11.86 7.29
N ALA A 205 -13.07 -12.11 8.12
CA ALA A 205 -11.74 -12.42 7.61
C ALA A 205 -11.83 -13.71 6.80
N TRP A 206 -12.80 -14.56 7.14
CA TRP A 206 -12.95 -15.84 6.44
C TRP A 206 -13.20 -15.65 4.94
N VAL A 207 -13.76 -14.51 4.56
CA VAL A 207 -14.03 -14.23 3.15
C VAL A 207 -12.71 -14.12 2.40
N VAL A 208 -11.78 -13.34 2.94
CA VAL A 208 -10.48 -13.18 2.30
C VAL A 208 -9.70 -14.48 2.33
N ARG A 209 -9.83 -15.23 3.43
CA ARG A 209 -9.12 -16.50 3.53
C ARG A 209 -9.57 -17.47 2.44
N ASP A 210 -10.88 -17.57 2.21
CA ASP A 210 -11.37 -18.48 1.18
C ASP A 210 -10.98 -17.99 -0.21
N TRP A 211 -11.02 -16.68 -0.39
CA TRP A 211 -10.64 -16.07 -1.68
C TRP A 211 -9.19 -16.47 -1.99
N LEU A 212 -8.32 -16.34 -0.99
CA LEU A 212 -6.91 -16.69 -1.18
C LEU A 212 -6.70 -18.19 -1.34
N ASN A 213 -7.52 -18.99 -0.68
CA ASN A 213 -7.39 -20.44 -0.81
C ASN A 213 -7.71 -20.87 -2.24
N TRP A 214 -8.58 -20.10 -2.89
CA TRP A 214 -8.97 -20.39 -4.26
C TRP A 214 -8.00 -19.82 -5.30
N TRP A 215 -7.54 -18.59 -5.06
CA TRP A 215 -6.70 -17.92 -6.04
C TRP A 215 -5.26 -17.62 -5.70
N GLY A 216 -4.93 -17.62 -4.42
CA GLY A 216 -3.57 -17.31 -4.02
C GLY A 216 -3.20 -15.90 -4.44
N GLY A 217 -1.90 -15.62 -4.44
CA GLY A 217 -1.43 -14.29 -4.81
C GLY A 217 -1.22 -13.39 -3.61
N TRP A 218 -0.36 -12.41 -3.79
CA TRP A 218 -0.05 -11.42 -2.76
C TRP A 218 -1.35 -10.72 -2.38
N ALA A 219 -1.53 -10.42 -1.10
CA ALA A 219 -2.74 -9.75 -0.66
C ALA A 219 -2.57 -8.90 0.58
N VAL A 220 -3.32 -7.80 0.63
CA VAL A 220 -3.31 -6.90 1.77
C VAL A 220 -4.74 -6.46 2.02
N GLY A 221 -5.08 -6.21 3.27
CA GLY A 221 -6.41 -5.76 3.57
C GLY A 221 -6.35 -4.38 4.20
N GLU A 222 -7.33 -3.54 3.89
N GLU A 222 -7.32 -3.55 3.88
CA GLU A 222 -7.40 -2.19 4.44
CA GLU A 222 -7.38 -2.22 4.45
C GLU A 222 -8.27 -2.27 5.70
C GLU A 222 -8.25 -2.30 5.69
N TYR A 223 -7.60 -2.40 6.84
CA TYR A 223 -8.29 -2.50 8.13
C TYR A 223 -7.93 -1.21 8.87
N TRP A 224 -8.82 -0.22 8.79
CA TRP A 224 -8.56 1.07 9.42
C TRP A 224 -8.78 1.08 10.93
N ASP A 225 -7.68 0.96 11.66
CA ASP A 225 -7.72 0.96 13.12
C ASP A 225 -6.29 1.21 13.60
N THR A 226 -6.15 1.69 14.82
CA THR A 226 -4.84 1.96 15.41
C THR A 226 -4.46 0.83 16.36
N ASN A 227 -5.42 -0.05 16.63
CA ASN A 227 -5.20 -1.17 17.54
C ASN A 227 -4.46 -2.28 16.81
N VAL A 228 -3.18 -2.45 17.11
CA VAL A 228 -2.36 -3.45 16.46
C VAL A 228 -2.88 -4.87 16.67
N ASP A 229 -3.45 -5.14 17.83
CA ASP A 229 -3.98 -6.47 18.11
C ASP A 229 -5.12 -6.80 17.15
N ALA A 230 -5.95 -5.81 16.85
CA ALA A 230 -7.07 -6.01 15.94
C ALA A 230 -6.55 -6.22 14.52
N LEU A 231 -5.60 -5.39 14.10
CA LEU A 231 -5.06 -5.53 12.75
C LEU A 231 -4.36 -6.87 12.54
N LEU A 232 -3.52 -7.28 13.49
CA LEU A 232 -2.84 -8.55 13.35
C LEU A 232 -3.79 -9.74 13.47
N SER A 233 -4.83 -9.60 14.29
N SER A 233 -4.82 -9.61 14.29
CA SER A 233 -5.80 -10.67 14.45
CA SER A 233 -5.79 -10.68 14.43
C SER A 233 -6.45 -10.92 13.09
C SER A 233 -6.46 -10.92 13.09
N TRP A 234 -6.81 -9.83 12.41
CA TRP A 234 -7.45 -9.94 11.11
C TRP A 234 -6.44 -10.50 10.10
N ALA A 235 -5.20 -10.03 10.18
CA ALA A 235 -4.16 -10.50 9.27
C ALA A 235 -3.96 -12.01 9.33
N TYR A 236 -3.93 -12.55 10.55
CA TYR A 236 -3.73 -13.99 10.68
C TYR A 236 -5.00 -14.79 10.34
N GLU A 237 -6.16 -14.26 10.70
CA GLU A 237 -7.41 -14.95 10.40
C GLU A 237 -7.67 -14.98 8.89
N SER A 238 -7.29 -13.91 8.20
CA SER A 238 -7.52 -13.81 6.75
C SER A 238 -6.41 -14.43 5.92
N GLY A 239 -5.19 -14.40 6.44
CA GLY A 239 -4.05 -14.91 5.70
C GLY A 239 -3.43 -13.83 4.83
N ALA A 240 -3.90 -12.60 4.99
CA ALA A 240 -3.39 -11.48 4.21
C ALA A 240 -2.59 -10.49 5.03
N LYS A 241 -1.93 -9.56 4.36
CA LYS A 241 -1.16 -8.53 5.05
C LYS A 241 -2.15 -7.41 5.41
N VAL A 242 -1.67 -6.42 6.14
CA VAL A 242 -2.50 -5.28 6.52
C VAL A 242 -1.70 -3.99 6.39
N PHE A 243 -2.40 -2.91 6.06
CA PHE A 243 -1.74 -1.61 5.96
C PHE A 243 -1.42 -1.18 7.38
N ASP A 244 -0.20 -0.69 7.59
CA ASP A 244 0.24 -0.29 8.92
C ASP A 244 -0.23 1.11 9.31
N PHE A 245 -1.51 1.26 9.61
CA PHE A 245 -2.04 2.55 10.02
C PHE A 245 -1.39 3.01 11.32
N PRO A 246 -1.12 2.07 12.26
CA PRO A 246 -0.48 2.50 13.51
C PRO A 246 0.84 3.21 13.24
N LEU A 247 1.65 2.65 12.34
CA LEU A 247 2.93 3.25 12.00
C LEU A 247 2.71 4.62 11.36
N TYR A 248 1.73 4.70 10.47
CA TYR A 248 1.40 5.93 9.78
C TYR A 248 1.15 7.07 10.77
N TYR A 249 0.26 6.83 11.73
CA TYR A 249 -0.06 7.85 12.72
C TYR A 249 1.10 8.18 13.62
N LYS A 250 1.97 7.20 13.89
CA LYS A 250 3.13 7.45 14.73
C LYS A 250 4.18 8.27 13.98
N MET A 251 4.31 8.02 12.67
CA MET A 251 5.27 8.78 11.89
C MET A 251 4.83 10.23 11.81
N ASP A 252 3.52 10.45 11.79
CA ASP A 252 2.99 11.82 11.75
C ASP A 252 3.35 12.48 13.08
N GLU A 253 3.06 11.79 14.18
CA GLU A 253 3.35 12.30 15.51
C GLU A 253 4.82 12.64 15.68
N ALA A 254 5.67 11.78 15.15
CA ALA A 254 7.11 11.95 15.26
C ALA A 254 7.74 12.95 14.31
N PHE A 255 7.64 12.71 13.01
CA PHE A 255 8.28 13.58 12.03
C PHE A 255 7.66 14.96 11.83
N ASP A 256 6.36 15.11 12.09
CA ASP A 256 5.70 16.39 11.93
C ASP A 256 5.74 17.26 13.18
N ASN A 257 6.19 16.68 14.29
CA ASN A 257 6.23 17.42 15.55
C ASN A 257 7.56 17.34 16.28
N ASN A 258 8.64 17.09 15.55
CA ASN A 258 9.96 16.99 16.15
C ASN A 258 9.88 16.13 17.41
N ASN A 259 9.28 14.96 17.28
CA ASN A 259 9.11 14.05 18.41
C ASN A 259 9.37 12.60 18.03
N ILE A 260 10.58 12.35 17.55
CA ILE A 260 10.98 11.01 17.15
C ILE A 260 10.78 9.95 18.25
N PRO A 261 10.95 10.33 19.54
CA PRO A 261 10.75 9.31 20.57
C PRO A 261 9.36 8.63 20.50
N ALA A 262 8.35 9.38 20.06
CA ALA A 262 7.01 8.81 19.96
C ALA A 262 7.02 7.61 19.03
N LEU A 263 7.78 7.71 17.95
CA LEU A 263 7.88 6.62 16.98
C LEU A 263 8.69 5.46 17.55
N VAL A 264 9.85 5.79 18.12
CA VAL A 264 10.71 4.77 18.70
C VAL A 264 9.98 3.98 19.77
N TYR A 265 9.28 4.66 20.67
CA TYR A 265 8.55 3.96 21.73
C TYR A 265 7.46 3.05 21.16
N ALA A 266 6.78 3.51 20.11
CA ALA A 266 5.72 2.71 19.50
C ALA A 266 6.33 1.44 18.91
N LEU A 267 7.47 1.59 18.26
CA LEU A 267 8.16 0.44 17.66
C LEU A 267 8.60 -0.55 18.73
N GLN A 268 9.29 -0.05 19.75
CA GLN A 268 9.79 -0.91 20.82
C GLN A 268 8.70 -1.60 21.64
N ASN A 269 7.54 -0.98 21.74
CA ASN A 269 6.44 -1.56 22.51
C ASN A 269 5.46 -2.35 21.66
N GLY A 270 5.84 -2.63 20.42
CA GLY A 270 4.97 -3.38 19.53
C GLY A 270 3.65 -2.68 19.24
N GLN A 271 3.69 -1.36 19.14
CA GLN A 271 2.49 -0.59 18.86
C GLN A 271 2.37 -0.20 17.40
N THR A 272 3.01 -0.99 16.54
CA THR A 272 2.95 -0.81 15.09
C THR A 272 2.86 -2.23 14.56
N VAL A 273 2.29 -2.41 13.38
CA VAL A 273 2.20 -3.76 12.84
C VAL A 273 3.62 -4.23 12.48
N VAL A 274 4.39 -3.33 11.88
CA VAL A 274 5.74 -3.68 11.45
C VAL A 274 6.70 -4.14 12.55
N SER A 275 6.60 -3.55 13.74
CA SER A 275 7.50 -3.97 14.81
C SER A 275 7.06 -5.25 15.49
N ARG A 276 5.87 -5.73 15.13
CA ARG A 276 5.36 -6.99 15.68
C ARG A 276 5.57 -8.11 14.66
N ASP A 277 5.14 -7.87 13.42
CA ASP A 277 5.31 -8.85 12.35
C ASP A 277 5.58 -8.08 11.07
N PRO A 278 6.88 -7.90 10.72
CA PRO A 278 7.27 -7.17 9.52
C PRO A 278 6.92 -7.87 8.21
N PHE A 279 6.43 -9.10 8.32
CA PHE A 279 6.05 -9.87 7.14
C PHE A 279 4.57 -9.68 6.85
N LYS A 280 3.88 -9.00 7.76
CA LYS A 280 2.45 -8.72 7.61
C LYS A 280 2.18 -7.24 7.36
N ALA A 281 3.16 -6.40 7.67
CA ALA A 281 2.97 -4.96 7.53
C ALA A 281 3.27 -4.33 6.18
N VAL A 282 2.28 -3.64 5.63
CA VAL A 282 2.46 -2.92 4.38
C VAL A 282 2.49 -1.47 4.86
N THR A 283 3.68 -0.88 4.76
CA THR A 283 3.91 0.47 5.24
C THR A 283 3.67 1.53 4.16
N PHE A 284 3.32 2.74 4.60
CA PHE A 284 3.04 3.82 3.66
C PHE A 284 3.15 5.18 4.35
N VAL A 285 3.36 6.20 3.54
CA VAL A 285 3.49 7.57 4.04
C VAL A 285 2.21 8.35 3.74
N ALA A 286 1.48 7.92 2.72
CA ALA A 286 0.23 8.58 2.34
C ALA A 286 -0.58 7.70 1.40
N ASN A 287 -1.89 7.94 1.33
CA ASN A 287 -2.73 7.22 0.39
C ASN A 287 -3.87 8.11 -0.08
N HIS A 288 -4.79 7.56 -0.87
CA HIS A 288 -5.89 8.34 -1.42
C HIS A 288 -6.94 8.82 -0.42
N ASP A 289 -6.94 8.26 0.79
CA ASP A 289 -7.91 8.63 1.82
C ASP A 289 -7.35 9.58 2.87
N THR A 290 -6.06 9.45 3.15
CA THR A 290 -5.44 10.25 4.18
C THR A 290 -4.01 10.63 3.81
N ASP A 291 -3.64 11.87 4.10
CA ASP A 291 -2.31 12.38 3.78
C ASP A 291 -2.02 13.48 4.81
N ILE A 292 -1.65 13.07 6.02
CA ILE A 292 -1.40 14.00 7.11
C ILE A 292 0.07 14.23 7.47
N ILE A 293 0.98 13.52 6.83
CA ILE A 293 2.40 13.70 7.11
C ILE A 293 2.96 14.74 6.17
N TRP A 294 3.31 15.91 6.71
CA TRP A 294 3.87 16.95 5.87
C TRP A 294 5.36 16.74 5.61
N ASN A 295 6.08 16.25 6.61
CA ASN A 295 7.52 16.01 6.45
C ASN A 295 7.74 14.62 5.89
N LYS A 296 7.44 14.48 4.61
CA LYS A 296 7.53 13.21 3.92
C LYS A 296 8.91 12.64 3.64
N TYR A 297 9.94 13.48 3.57
CA TYR A 297 11.26 12.94 3.30
C TYR A 297 11.76 12.00 4.39
N PRO A 298 11.70 12.41 5.67
CA PRO A 298 12.18 11.47 6.68
C PRO A 298 11.25 10.24 6.77
N ALA A 299 9.97 10.44 6.44
CA ALA A 299 9.00 9.35 6.49
C ALA A 299 9.32 8.29 5.43
N TYR A 300 9.65 8.74 4.23
CA TYR A 300 10.00 7.81 3.16
C TYR A 300 11.36 7.20 3.43
N ALA A 301 12.28 7.97 3.99
CA ALA A 301 13.60 7.45 4.29
C ALA A 301 13.39 6.32 5.30
N PHE A 302 12.45 6.52 6.22
CA PHE A 302 12.17 5.50 7.22
C PHE A 302 11.55 4.23 6.66
N ILE A 303 10.43 4.34 5.92
CA ILE A 303 9.82 3.12 5.44
C ILE A 303 10.61 2.40 4.35
N LEU A 304 11.52 3.11 3.68
CA LEU A 304 12.31 2.47 2.64
C LEU A 304 13.61 1.87 3.16
N THR A 305 13.98 2.17 4.41
CA THR A 305 15.20 1.59 4.98
C THR A 305 14.89 0.72 6.19
N TYR A 306 13.69 0.84 6.74
CA TYR A 306 13.27 0.03 7.89
C TYR A 306 12.62 -1.24 7.35
N GLU A 307 12.13 -2.08 8.27
CA GLU A 307 11.47 -3.34 7.92
C GLU A 307 10.06 -3.12 7.37
N GLY A 308 9.45 -4.19 6.86
CA GLY A 308 8.11 -4.11 6.30
C GLY A 308 8.15 -4.03 4.79
N GLN A 309 6.98 -3.88 4.16
CA GLN A 309 6.91 -3.76 2.70
C GLN A 309 6.28 -2.40 2.40
N PRO A 310 7.07 -1.47 1.86
CA PRO A 310 6.65 -0.11 1.54
C PRO A 310 5.87 0.15 0.25
N VAL A 311 4.95 1.11 0.35
CA VAL A 311 4.14 1.56 -0.77
C VAL A 311 4.43 3.04 -0.97
N ILE A 312 4.70 3.43 -2.20
CA ILE A 312 4.95 4.82 -2.53
C ILE A 312 3.66 5.37 -3.15
N PHE A 313 3.25 6.54 -2.71
CA PHE A 313 2.03 7.20 -3.19
C PHE A 313 2.31 7.88 -4.53
N TYR A 314 1.44 7.66 -5.52
CA TYR A 314 1.60 8.25 -6.84
C TYR A 314 1.97 9.72 -6.83
N ARG A 315 1.21 10.53 -6.09
CA ARG A 315 1.45 11.96 -6.08
C ARG A 315 2.84 12.32 -5.57
N ASP A 316 3.31 11.60 -4.55
CA ASP A 316 4.63 11.89 -4.01
C ASP A 316 5.74 11.63 -5.02
N PHE A 317 5.63 10.51 -5.74
CA PHE A 317 6.64 10.15 -6.73
C PHE A 317 6.58 10.95 -8.03
N GLU A 318 5.39 11.08 -8.59
CA GLU A 318 5.21 11.77 -9.86
C GLU A 318 4.97 13.27 -9.83
N GLU A 319 4.48 13.79 -8.72
CA GLU A 319 4.13 15.20 -8.67
C GLU A 319 4.74 16.10 -7.61
N TRP A 320 4.80 15.62 -6.37
CA TRP A 320 5.24 16.46 -5.27
C TRP A 320 6.65 16.42 -4.71
N LEU A 321 7.28 15.26 -4.70
CA LEU A 321 8.62 15.17 -4.14
C LEU A 321 9.71 15.06 -5.18
N ASN A 322 10.96 15.16 -4.73
CA ASN A 322 12.12 15.03 -5.60
C ASN A 322 12.18 13.56 -5.97
N LYS A 323 11.76 13.24 -7.19
CA LYS A 323 11.72 11.86 -7.66
C LYS A 323 13.05 11.12 -7.51
N ASP A 324 14.16 11.81 -7.75
CA ASP A 324 15.46 11.17 -7.62
C ASP A 324 15.71 10.64 -6.22
N LYS A 325 15.16 11.30 -5.21
CA LYS A 325 15.35 10.86 -3.83
C LYS A 325 14.61 9.54 -3.59
N LEU A 326 13.42 9.42 -4.19
CA LEU A 326 12.64 8.20 -4.02
C LEU A 326 13.28 7.06 -4.81
N ILE A 327 13.81 7.38 -5.99
CA ILE A 327 14.47 6.36 -6.81
C ILE A 327 15.69 5.84 -6.05
N ASN A 328 16.41 6.75 -5.40
CA ASN A 328 17.58 6.37 -4.64
C ASN A 328 17.18 5.47 -3.47
N LEU A 329 16.11 5.85 -2.75
CA LEU A 329 15.66 5.06 -1.62
C LEU A 329 15.18 3.67 -2.03
N ILE A 330 14.58 3.55 -3.21
CA ILE A 330 14.13 2.25 -3.67
C ILE A 330 15.36 1.35 -3.90
N TRP A 331 16.40 1.93 -4.50
CA TRP A 331 17.62 1.17 -4.75
C TRP A 331 18.20 0.71 -3.41
N ILE A 332 18.25 1.61 -2.44
CA ILE A 332 18.76 1.29 -1.11
C ILE A 332 17.92 0.20 -0.46
N HIS A 333 16.60 0.30 -0.59
CA HIS A 333 15.71 -0.69 0.01
C HIS A 333 15.97 -2.10 -0.51
N ASP A 334 16.08 -2.23 -1.83
CA ASP A 334 16.29 -3.53 -2.44
C ASP A 334 17.71 -4.07 -2.40
N HIS A 335 18.71 -3.21 -2.20
CA HIS A 335 20.09 -3.67 -2.18
C HIS A 335 20.78 -3.65 -0.82
N LEU A 336 20.32 -2.80 0.09
CA LEU A 336 20.97 -2.69 1.40
C LEU A 336 20.09 -2.96 2.62
N ALA A 337 18.83 -2.56 2.54
CA ALA A 337 17.91 -2.71 3.68
C ALA A 337 17.42 -4.11 4.01
N GLY A 338 18.26 -4.88 4.70
CA GLY A 338 17.87 -6.23 5.06
C GLY A 338 18.28 -6.58 6.48
N GLY A 339 17.66 -7.62 7.02
CA GLY A 339 17.98 -8.07 8.37
C GLY A 339 17.22 -7.40 9.50
N SER A 340 17.59 -7.75 10.72
CA SER A 340 16.96 -7.19 11.91
C SER A 340 17.39 -5.73 12.07
N THR A 341 16.80 -5.03 13.02
CA THR A 341 17.11 -3.64 13.25
C THR A 341 17.59 -3.35 14.67
N THR A 342 18.65 -2.57 14.77
CA THR A 342 19.21 -2.19 16.05
C THR A 342 19.18 -0.66 16.13
N ILE A 343 18.48 -0.12 17.12
CA ILE A 343 18.40 1.32 17.29
C ILE A 343 19.72 1.78 17.92
N VAL A 344 20.40 2.68 17.22
CA VAL A 344 21.69 3.20 17.68
C VAL A 344 21.53 4.46 18.51
N TYR A 345 20.65 5.35 18.08
CA TYR A 345 20.44 6.59 18.80
C TYR A 345 19.15 7.29 18.41
N TYR A 346 18.61 8.09 19.32
CA TYR A 346 17.41 8.87 19.06
C TYR A 346 17.16 9.93 20.12
N ASP A 347 16.60 11.04 19.68
CA ASP A 347 16.19 12.13 20.56
C ASP A 347 15.05 12.80 19.80
N ASN A 348 14.70 14.02 20.17
N ASN A 348 14.70 14.02 20.17
CA ASN A 348 13.60 14.71 19.51
CA ASN A 348 13.59 14.71 19.52
C ASN A 348 13.73 14.80 18.00
C ASN A 348 13.71 14.84 18.00
N ASP A 349 14.91 15.20 17.53
CA ASP A 349 15.13 15.37 16.09
C ASP A 349 16.08 14.43 15.35
N GLU A 350 16.59 13.41 16.02
CA GLU A 350 17.50 12.48 15.36
C GLU A 350 17.12 11.03 15.59
N LEU A 351 17.35 10.21 14.57
CA LEU A 351 17.08 8.77 14.65
C LEU A 351 18.16 8.06 13.84
N ILE A 352 18.90 7.18 14.51
CA ILE A 352 19.94 6.41 13.85
C ILE A 352 19.70 4.95 14.17
N PHE A 353 19.61 4.13 13.13
CA PHE A 353 19.41 2.70 13.32
C PHE A 353 20.20 1.90 12.31
N VAL A 354 20.47 0.64 12.65
CA VAL A 354 21.22 -0.24 11.78
C VAL A 354 20.40 -1.43 11.33
N ARG A 355 20.51 -1.77 10.05
CA ARG A 355 19.85 -2.95 9.52
C ARG A 355 21.03 -3.92 9.47
N ASN A 356 20.90 -5.03 10.19
CA ASN A 356 22.00 -5.99 10.29
C ASN A 356 22.29 -6.91 9.11
N GLY A 357 21.47 -6.80 8.06
CA GLY A 357 21.68 -7.60 6.86
C GLY A 357 21.06 -8.98 6.80
N ASP A 358 20.82 -9.44 5.58
CA ASP A 358 20.27 -10.78 5.36
C ASP A 358 21.12 -11.49 4.30
N SER A 359 20.59 -12.56 3.72
CA SER A 359 21.35 -13.31 2.72
C SER A 359 21.68 -12.58 1.42
N ARG A 360 20.92 -11.53 1.10
CA ARG A 360 21.16 -10.80 -0.14
C ARG A 360 21.53 -9.33 0.03
N ARG A 361 21.17 -8.75 1.18
CA ARG A 361 21.46 -7.35 1.46
C ARG A 361 22.37 -7.26 2.69
N PRO A 362 23.55 -6.64 2.54
CA PRO A 362 24.53 -6.50 3.62
C PRO A 362 24.16 -5.65 4.83
N GLY A 363 23.10 -4.86 4.72
CA GLY A 363 22.70 -4.03 5.85
C GLY A 363 23.01 -2.57 5.60
N LEU A 364 22.69 -1.72 6.56
CA LEU A 364 22.92 -0.28 6.41
C LEU A 364 22.80 0.47 7.73
N ILE A 365 23.06 1.77 7.67
CA ILE A 365 22.93 2.65 8.82
C ILE A 365 22.11 3.83 8.31
N THR A 366 20.97 4.07 8.93
CA THR A 366 20.15 5.21 8.54
C THR A 366 20.27 6.30 9.60
N TYR A 367 20.48 7.53 9.14
CA TYR A 367 20.62 8.67 10.03
C TYR A 367 19.62 9.73 9.58
N ILE A 368 18.51 9.85 10.33
CA ILE A 368 17.49 10.83 10.03
C ILE A 368 17.66 12.04 10.95
N ASN A 369 17.55 13.23 10.38
CA ASN A 369 17.69 14.49 11.11
C ASN A 369 16.55 15.42 10.74
N LEU A 370 15.81 15.87 11.76
CA LEU A 370 14.69 16.77 11.53
C LEU A 370 15.06 18.24 11.76
N SER A 371 16.25 18.48 12.29
CA SER A 371 16.70 19.85 12.56
C SER A 371 17.18 20.53 11.28
N PRO A 372 17.09 21.87 11.24
CA PRO A 372 17.50 22.67 10.08
C PRO A 372 19.01 22.91 10.02
N ASN A 373 19.78 22.13 10.77
CA ASN A 373 21.23 22.29 10.79
C ASN A 373 21.93 20.98 10.46
N TRP A 374 23.20 21.07 10.08
CA TRP A 374 23.98 19.88 9.79
C TRP A 374 24.23 19.25 11.14
N VAL A 375 24.19 17.91 11.20
CA VAL A 375 24.42 17.22 12.45
C VAL A 375 25.45 16.13 12.28
N GLY A 376 26.11 15.79 13.39
CA GLY A 376 27.11 14.74 13.36
C GLY A 376 27.36 14.27 14.78
N ARG A 377 27.67 12.99 14.91
CA ARG A 377 27.94 12.42 16.22
C ARG A 377 28.61 11.07 16.09
N TRP A 378 29.37 10.69 17.11
CA TRP A 378 30.04 9.41 17.11
C TRP A 378 29.03 8.34 17.45
N VAL A 379 29.05 7.25 16.69
CA VAL A 379 28.11 6.16 16.93
C VAL A 379 28.87 4.85 17.02
N TYR A 380 28.36 3.96 17.86
CA TYR A 380 28.96 2.65 18.05
C TYR A 380 28.25 1.64 17.16
N VAL A 381 28.90 1.26 16.07
CA VAL A 381 28.33 0.31 15.12
C VAL A 381 29.33 -0.82 14.83
N PRO A 382 29.53 -1.71 15.81
CA PRO A 382 30.46 -2.84 15.72
C PRO A 382 30.29 -3.71 14.46
N LYS A 383 29.10 -3.73 13.89
CA LYS A 383 28.88 -4.53 12.69
C LYS A 383 29.81 -4.08 11.57
N PHE A 384 30.09 -2.78 11.54
CA PHE A 384 30.96 -2.20 10.51
C PHE A 384 32.36 -1.92 11.02
N ALA A 385 32.71 -2.50 12.16
CA ALA A 385 34.02 -2.30 12.77
C ALA A 385 35.16 -2.56 11.78
N GLY A 386 36.04 -1.58 11.65
CA GLY A 386 37.19 -1.71 10.76
C GLY A 386 36.87 -1.74 9.28
N ALA A 387 35.64 -1.40 8.92
CA ALA A 387 35.24 -1.43 7.51
C ALA A 387 35.14 -0.05 6.89
N CYS A 388 35.12 -0.04 5.55
CA CYS A 388 35.00 1.18 4.77
C CYS A 388 33.51 1.36 4.53
N ILE A 389 32.95 2.47 4.99
CA ILE A 389 31.52 2.71 4.77
C ILE A 389 31.34 3.89 3.81
N HIS A 390 30.32 3.79 2.99
CA HIS A 390 30.02 4.81 1.99
C HIS A 390 28.62 5.37 2.22
N GLU A 391 28.43 6.64 1.88
CA GLU A 391 27.12 7.28 2.03
C GLU A 391 26.45 7.10 0.68
N TYR A 392 25.32 6.39 0.65
CA TYR A 392 24.63 6.09 -0.60
C TYR A 392 23.51 6.98 -1.13
N THR A 393 23.22 8.09 -0.47
CA THR A 393 22.15 8.96 -0.96
C THR A 393 22.69 10.17 -1.70
N GLY A 394 23.87 10.63 -1.30
CA GLY A 394 24.47 11.80 -1.91
C GLY A 394 23.95 13.07 -1.25
N ASN A 395 23.17 12.90 -0.19
CA ASN A 395 22.59 14.04 0.52
C ASN A 395 23.59 14.91 1.29
N LEU A 396 24.83 14.46 1.38
CA LEU A 396 25.85 15.24 2.08
C LEU A 396 26.51 16.22 1.10
N GLY A 397 26.13 16.12 -0.17
CA GLY A 397 26.67 17.01 -1.17
C GLY A 397 27.71 16.40 -2.08
N GLY A 398 27.95 15.10 -1.95
CA GLY A 398 28.93 14.46 -2.80
C GLY A 398 29.34 13.07 -2.35
N TRP A 399 30.45 12.58 -2.89
CA TRP A 399 30.96 11.26 -2.57
C TRP A 399 31.64 11.30 -1.21
N VAL A 400 31.11 10.53 -0.26
CA VAL A 400 31.65 10.48 1.08
C VAL A 400 31.91 9.07 1.58
N ASP A 401 33.14 8.82 2.03
CA ASP A 401 33.53 7.52 2.56
C ASP A 401 34.13 7.72 3.94
N LYS A 402 33.95 6.75 4.82
CA LYS A 402 34.48 6.83 6.17
C LYS A 402 35.07 5.50 6.61
N ARG A 403 36.03 5.56 7.52
CA ARG A 403 36.67 4.35 8.03
C ARG A 403 36.27 4.13 9.49
N VAL A 404 35.52 3.07 9.74
CA VAL A 404 35.10 2.73 11.09
C VAL A 404 36.27 2.07 11.78
N ASP A 405 36.64 2.53 12.97
CA ASP A 405 37.77 1.94 13.67
C ASP A 405 37.51 0.49 14.05
N SER A 406 38.56 -0.21 14.47
CA SER A 406 38.47 -1.61 14.85
C SER A 406 37.46 -1.89 15.97
N SER A 407 37.11 -0.85 16.72
CA SER A 407 36.16 -1.00 17.82
C SER A 407 34.72 -0.89 17.34
N GLY A 408 34.52 -0.13 16.26
CA GLY A 408 33.17 0.04 15.72
C GLY A 408 32.69 1.48 15.79
N TRP A 409 33.57 2.37 16.24
CA TRP A 409 33.21 3.78 16.35
C TRP A 409 33.50 4.55 15.06
N VAL A 410 32.59 5.45 14.71
CA VAL A 410 32.72 6.28 13.52
C VAL A 410 31.90 7.54 13.70
N TYR A 411 32.39 8.65 13.16
CA TYR A 411 31.67 9.92 13.26
C TYR A 411 30.72 10.00 12.07
N LEU A 412 29.43 9.84 12.34
CA LEU A 412 28.42 9.88 11.29
C LEU A 412 27.83 11.28 11.13
N GLU A 413 27.45 11.62 9.91
CA GLU A 413 26.87 12.93 9.65
C GLU A 413 25.59 12.85 8.82
N ALA A 414 24.75 13.86 8.98
CA ALA A 414 23.49 13.94 8.25
C ALA A 414 23.25 15.40 7.89
N PRO A 415 22.67 15.65 6.71
CA PRO A 415 22.38 17.01 6.26
C PRO A 415 21.21 17.64 6.99
N PRO A 416 21.04 18.96 6.86
CA PRO A 416 19.94 19.63 7.53
C PRO A 416 18.63 19.17 6.90
N HIS A 417 17.53 19.32 7.63
CA HIS A 417 16.23 18.98 7.08
C HIS A 417 15.62 20.31 6.68
N ASP A 418 15.72 20.63 5.40
CA ASP A 418 15.19 21.89 4.87
C ASP A 418 14.93 21.70 3.39
N PRO A 419 13.94 20.86 3.06
CA PRO A 419 13.58 20.56 1.67
C PRO A 419 13.28 21.79 0.81
N ALA A 420 12.74 22.83 1.45
CA ALA A 420 12.42 24.05 0.71
C ALA A 420 13.71 24.61 0.09
N ASN A 421 14.84 24.28 0.70
CA ASN A 421 16.14 24.74 0.21
C ASN A 421 17.01 23.63 -0.37
N GLY A 422 16.42 22.47 -0.62
CA GLY A 422 17.17 21.37 -1.21
C GLY A 422 17.94 20.46 -0.28
N TYR A 423 17.62 20.50 1.02
CA TYR A 423 18.28 19.64 2.01
C TYR A 423 17.20 18.70 2.53
N TYR A 424 17.46 17.40 2.44
CA TYR A 424 16.46 16.40 2.81
C TYR A 424 16.43 15.73 4.18
N GLY A 425 17.40 16.03 5.03
CA GLY A 425 17.39 15.48 6.38
C GLY A 425 17.70 14.02 6.65
N TYR A 426 18.50 13.38 5.81
CA TYR A 426 18.88 12.00 6.07
C TYR A 426 20.06 11.54 5.25
N SER A 427 20.79 10.58 5.82
CA SER A 427 21.94 9.99 5.15
C SER A 427 21.83 8.49 5.40
N VAL A 428 22.31 7.69 4.44
CA VAL A 428 22.26 6.24 4.57
C VAL A 428 23.65 5.70 4.25
N TRP A 429 24.13 4.79 5.08
CA TRP A 429 25.47 4.23 4.91
C TRP A 429 25.51 2.72 4.88
N SER A 430 26.58 2.21 4.29
CA SER A 430 26.82 0.77 4.21
C SER A 430 28.23 0.53 3.68
N TYR A 431 28.62 -0.74 3.62
CA TYR A 431 29.96 -1.12 3.14
C TYR A 431 30.23 -0.49 1.78
N CYS A 432 31.48 -0.08 1.56
CA CYS A 432 31.87 0.51 0.30
C CYS A 432 31.91 -0.58 -0.77
N GLY A 433 31.69 -0.20 -2.03
CA GLY A 433 31.73 -1.16 -3.12
C GLY A 433 30.52 -2.03 -3.38
N VAL A 434 29.37 -1.68 -2.82
CA VAL A 434 28.17 -2.50 -3.04
C VAL A 434 27.58 -2.25 -4.43
N GLY A 435 27.60 -1.00 -4.87
CA GLY A 435 27.06 -0.66 -6.17
C GLY A 435 26.94 0.84 -6.33
C1 GLC B . 14.88 -15.21 10.63
C2 GLC B . 14.64 -14.29 11.85
C3 GLC B . 13.90 -13.03 11.42
C4 GLC B . 14.67 -12.29 10.33
C5 GLC B . 15.02 -13.24 9.15
C6 GLC B . 15.99 -12.54 8.19
O1 GLC B . 13.62 -15.62 10.09
O2 GLC B . 13.85 -14.97 12.84
O3 GLC B . 13.71 -12.17 12.55
O4 GLC B . 13.88 -11.14 9.92
O5 GLC B . 15.64 -14.49 9.61
O6 GLC B . 16.43 -13.45 7.18
C1 GLC B . 14.68 -9.95 9.72
C2 GLC B . 13.80 -8.69 9.86
C3 GLC B . 12.72 -8.69 8.77
C4 GLC B . 13.36 -8.83 7.38
C5 GLC B . 14.23 -10.09 7.35
C6 GLC B . 14.89 -10.27 5.99
O2 GLC B . 13.17 -8.71 11.16
O3 GLC B . 11.99 -7.46 8.82
O4 GLC B . 12.30 -8.96 6.42
O5 GLC B . 15.26 -9.98 8.38
O6 GLC B . 15.70 -9.14 5.68
C1 AC1 B . 12.39 -7.96 5.39
O2 AC1 B . 10.63 -6.71 6.47
C2 AC1 B . 11.01 -7.32 5.23
C4A AC1 B . 7.07 -12.95 2.10
C3 AC1 B . 9.99 -8.42 4.88
O3 AC1 B . 8.72 -7.82 4.62
C4 AC1 B . 10.45 -9.21 3.64
N4A AC1 B . 9.54 -10.34 3.43
C5 AC1 B . 11.92 -9.69 3.78
O5 AC1 B . 12.78 -8.56 4.14
C6 AC1 B . 12.43 -10.31 2.48
C1B AC1 B . 9.16 -10.62 2.02
C2B AC1 B . 7.61 -10.44 1.78
O2B AC1 B . 7.35 -9.08 2.12
C3B AC1 B . 6.70 -11.46 2.49
O3B AC1 B . 5.38 -11.12 2.12
O4 AC1 B . 6.63 -13.67 3.24
C5B AC1 B . 8.57 -13.17 1.69
C7B AC1 B . 9.49 -12.10 1.67
C6B AC1 B . 9.02 -14.59 1.32
O6B AC1 B . 10.36 -15.10 1.18
C1 GLC C . -37.02 -17.46 1.67
C2 GLC C . -35.84 -18.21 2.29
C3 GLC C . -34.53 -17.78 1.62
C4 GLC C . -34.59 -17.94 0.09
C5 GLC C . -35.82 -17.19 -0.43
C6 GLC C . -35.95 -17.39 -1.94
O1 GLC C . -36.90 -16.05 1.93
O2 GLC C . -35.78 -17.91 3.69
O3 GLC C . -33.46 -18.57 2.14
O4 GLC C . -33.40 -17.39 -0.50
O5 GLC C . -37.04 -17.68 0.23
O6 GLC C . -37.11 -16.70 -2.41
C1 GLC C . -32.39 -18.39 -0.74
C2 GLC C . -30.98 -17.75 -0.67
C3 GLC C . -30.88 -16.67 -1.75
C4 GLC C . -31.15 -17.27 -3.15
C5 GLC C . -32.51 -18.01 -3.13
C6 GLC C . -32.73 -18.72 -4.48
O2 GLC C . -30.81 -17.15 0.61
O3 GLC C . -29.57 -16.10 -1.72
O4 GLC C . -31.19 -16.21 -4.11
O5 GLC C . -32.58 -19.00 -2.05
O6 GLC C . -34.03 -19.31 -4.50
C1 AC1 C . -30.01 -16.20 -4.94
O2 AC1 C . -29.22 -14.22 -3.79
C2 AC1 C . -29.50 -14.75 -5.09
C4A AC1 C . -33.66 -10.88 -9.67
C3 AC1 C . -30.58 -13.88 -5.76
O3 AC1 C . -30.03 -12.58 -6.04
C4 AC1 C . -31.04 -14.52 -7.09
N4A AC1 C . -32.17 -13.72 -7.62
C5 AC1 C . -31.42 -16.00 -6.90
O5 AC1 C . -30.33 -16.74 -6.26
C6 AC1 C . -31.68 -16.65 -8.27
C1B AC1 C . -32.00 -13.43 -9.08
C2B AC1 C . -31.38 -12.04 -9.49
O2B AC1 C . -30.06 -12.04 -8.96
C3B AC1 C . -32.20 -10.79 -9.07
O3B AC1 C . -31.43 -9.69 -9.57
O4 AC1 C . -34.50 -10.16 -8.79
C5B AC1 C . -34.24 -12.33 -9.91
C7B AC1 C . -33.45 -13.46 -9.62
C6B AC1 C . -35.66 -12.52 -10.45
O6B AC1 C . -36.01 -11.65 -11.54
C1 GLC D . 26.32 9.67 -4.44
C2 GLC D . 26.70 8.33 -3.79
C3 GLC D . 26.24 7.16 -4.66
C4 GLC D . 24.73 7.26 -4.96
C5 GLC D . 24.43 8.64 -5.56
C6 GLC D . 22.92 8.78 -5.80
O1 GLC D . 27.01 9.80 -5.69
O2 GLC D . 28.13 8.27 -3.64
O3 GLC D . 26.52 5.93 -3.99
O4 GLC D . 24.38 6.23 -5.89
O5 GLC D . 24.88 9.72 -4.67
O6 GLC D . 22.64 10.07 -6.36
C1 GLC D . 23.64 5.16 -5.24
C2 GLC D . 24.13 3.81 -5.78
C3 GLC D . 23.87 3.71 -7.28
C4 GLC D . 22.39 3.99 -7.62
C5 GLC D . 21.95 5.32 -6.97
C6 GLC D . 20.46 5.54 -7.20
O2 GLC D . 25.53 3.67 -5.52
O3 GLC D . 24.24 2.42 -7.75
O4 GLC D . 22.22 4.08 -9.05
O5 GLC D . 22.22 5.32 -5.52
O6 GLC D . 20.06 6.77 -6.60
C1 AC1 D . 21.52 2.92 -9.57
O2 AC1 D . 23.63 1.85 -10.12
C2 AC1 D . 22.37 2.27 -10.67
C3 AC1 D . 22.62 3.27 -11.81
O3 AC1 D . 23.35 2.64 -12.87
C4 AC1 D . 21.29 3.81 -12.35
N4A AC1 D . 21.55 4.84 -13.38
C5 AC1 D . 20.40 4.35 -11.20
O5 AC1 D . 20.24 3.34 -10.15
C6 AC1 D . 19.03 4.75 -11.75
ZN ZN E . -24.57 -11.77 5.96
CA CA F . -20.57 -5.53 5.82
MG MG G . 0.94 15.93 10.10
MG MG H . 19.35 15.93 18.55
MG MG I . -9.94 5.86 -23.10
OH2 ETE J . -0.49 4.10 -25.91
C12 ETE J . -1.27 3.28 -26.92
C22 ETE J . -0.46 2.29 -27.81
OH3 ETE J . 0.99 2.23 -27.57
C13 ETE J . 3.18 0.85 -28.09
C23 ETE J . 1.68 1.01 -28.25
OH4 ETE J . 3.50 0.70 -26.71
C14 ETE J . 5.29 0.38 -24.91
C24 ETE J . 5.05 0.52 -26.32
OH5 ETE J . 4.68 1.49 -24.27
C15 ETE J . 4.76 2.81 -22.21
C25 ETE J . 4.84 1.51 -22.77
OH6 ETE J . 5.43 3.68 -23.13
C26 ETE J . 5.75 5.11 -22.56
C13 ETE K . -18.10 -9.64 -18.52
OH4 ETE K . -17.48 -10.91 -18.76
C14 ETE K . -16.04 -12.55 -17.93
C24 ETE K . -16.65 -11.27 -17.67
OH5 ETE K . -15.98 -13.30 -16.70
C15 ETE K . -14.96 -15.45 -16.15
C25 ETE K . -14.72 -13.99 -16.60
OH6 ETE K . -13.78 -15.96 -15.48
C26 ETE K . -12.82 -16.49 -16.43
C TRS L . -12.00 3.04 1.78
C1 TRS L . -10.52 2.66 1.75
C2 TRS L . -12.16 4.45 2.39
C3 TRS L . -12.78 2.02 2.64
N TRS L . -12.54 3.03 0.42
O1 TRS L . -9.86 3.27 0.65
O2 TRS L . -13.53 4.87 2.33
O3 TRS L . -12.34 2.10 4.01
C1 EOH M . 11.97 -6.51 -19.25
C2 EOH M . 12.24 -5.15 -18.74
O EOH M . 13.01 -7.45 -18.97
C1 EOH N . 8.98 -4.27 -22.99
C2 EOH N . 9.43 -4.76 -21.68
O EOH N . 9.87 -4.59 -24.06
C1 EOH O . 30.21 2.62 -3.61
C2 EOH O . 30.14 1.46 -4.50
O EOH O . 31.34 2.59 -2.72
C1 EOH P . 29.85 -6.01 0.86
C2 EOH P . 30.83 -5.40 -0.05
O EOH P . 30.41 -6.59 2.03
#